data_3F4S
#
_entry.id   3F4S
#
_cell.length_a   70.730
_cell.length_b   49.610
_cell.length_c   69.0
_cell.angle_alpha   90.000
_cell.angle_beta   106.330
_cell.angle_gamma   90.000
#
_symmetry.space_group_name_H-M   'C 1 2 1'
#
loop_
_entity.id
_entity.type
_entity.pdbx_description
1 polymer 'Putative uncharacterized protein'
2 non-polymer 'TRIETHYLENE GLYCOL'
3 water water
#
_entity_poly.entity_id   1
_entity_poly.type   'polypeptide(L)'
_entity_poly.pdbx_seq_one_letter_code
;VVKQDLSDNQYIQKKPNEITSNELLLPLPNDKLLGDPKAPILMIEYASLTCYHCSLFHRNVFPKIKEKYIDTGKMLYIFR
HFPLDYRGLKAAMLSHCYEKQEDYFNFNKAVFNSIDSWNYYNLSDLTLLQRIAALSNLKQDAFNQCINDKKIMDKIVNDK
SLAINKLGITAVPIFFIKLNDDKSYIEHNKVKHGGYKELKYFTNVIDKLYGKAIVKLEHHHHHHHH
;
_entity_poly.pdbx_strand_id   A
#
loop_
_chem_comp.id
_chem_comp.type
_chem_comp.name
_chem_comp.formula
PGE non-polymer 'TRIETHYLENE GLYCOL' 'C6 H14 O4'
#
# COMPACT_ATOMS: atom_id res chain seq x y z
N THR A 20 0.92 19.01 -6.81
CA THR A 20 0.67 18.51 -8.16
C THR A 20 0.70 16.98 -8.19
N SER A 21 0.00 16.42 -9.17
CA SER A 21 -0.05 14.96 -9.32
C SER A 21 1.34 14.36 -9.48
N ASN A 22 2.22 15.04 -10.22
CA ASN A 22 3.57 14.54 -10.40
C ASN A 22 4.37 14.45 -9.11
N GLU A 23 4.24 15.48 -8.27
CA GLU A 23 4.94 15.52 -7.00
C GLU A 23 4.41 14.46 -6.03
N LEU A 24 3.19 14.01 -6.29
N LEU A 24 3.18 14.03 -6.26
CA LEU A 24 2.58 12.98 -5.45
CA LEU A 24 2.59 12.96 -5.45
C LEU A 24 3.09 11.59 -5.84
C LEU A 24 3.19 11.62 -5.81
N LEU A 25 3.51 11.45 -7.09
CA LEU A 25 3.99 10.16 -7.59
C LEU A 25 5.51 9.99 -7.45
N LEU A 26 6.02 10.44 -6.32
N LEU A 26 6.02 10.43 -6.31
CA LEU A 26 7.42 10.20 -5.96
CA LEU A 26 7.42 10.23 -5.97
C LEU A 26 7.46 9.86 -4.49
C LEU A 26 7.46 9.86 -4.49
N PRO A 27 8.59 9.28 -4.03
CA PRO A 27 8.71 8.96 -2.61
C PRO A 27 8.65 10.22 -1.76
N LEU A 28 7.68 10.27 -0.85
CA LEU A 28 7.49 11.42 0.03
C LEU A 28 8.18 11.20 1.38
N PRO A 29 8.47 12.29 2.09
CA PRO A 29 9.19 12.16 3.37
C PRO A 29 8.51 11.22 4.37
N ASN A 30 7.18 11.20 4.39
CA ASN A 30 6.45 10.36 5.34
C ASN A 30 6.04 8.99 4.80
N ASP A 31 6.40 8.69 3.55
CA ASP A 31 6.08 7.39 2.96
C ASP A 31 6.79 6.27 3.73
N LYS A 32 6.12 5.14 3.84
CA LYS A 32 6.75 3.93 4.33
C LYS A 32 7.26 3.17 3.11
N LEU A 33 8.54 2.84 3.10
CA LEU A 33 9.17 2.23 1.94
C LEU A 33 9.44 0.75 2.13
N LEU A 34 9.37 0.00 1.04
CA LEU A 34 9.79 -1.40 1.05
C LEU A 34 10.75 -1.63 -0.10
N GLY A 35 11.96 -2.10 0.21
CA GLY A 35 12.96 -2.30 -0.81
C GLY A 35 13.97 -1.16 -0.85
N ASP A 36 14.80 -1.16 -1.89
CA ASP A 36 15.87 -0.17 -2.03
C ASP A 36 15.33 1.18 -2.48
N PRO A 37 15.54 2.23 -1.66
CA PRO A 37 15.12 3.58 -2.02
C PRO A 37 15.67 4.04 -3.37
N LYS A 38 16.78 3.45 -3.80
CA LYS A 38 17.39 3.82 -5.07
C LYS A 38 17.17 2.78 -6.16
N ALA A 39 16.17 1.93 -5.98
CA ALA A 39 15.83 0.94 -7.00
C ALA A 39 15.47 1.65 -8.31
N PRO A 40 15.73 0.99 -9.45
CA PRO A 40 15.42 1.56 -10.76
C PRO A 40 13.94 1.84 -10.97
N ILE A 41 13.06 0.99 -10.43
CA ILE A 41 11.62 1.12 -10.68
C ILE A 41 10.89 1.46 -9.39
N LEU A 42 9.79 2.20 -9.53
CA LEU A 42 8.97 2.60 -8.40
C LEU A 42 7.53 2.11 -8.59
N MET A 43 6.98 1.49 -7.55
CA MET A 43 5.56 1.15 -7.52
C MET A 43 4.90 1.82 -6.33
N ILE A 44 3.85 2.59 -6.59
CA ILE A 44 3.02 3.15 -5.53
C ILE A 44 1.67 2.48 -5.62
N GLU A 45 1.21 1.90 -4.52
CA GLU A 45 -0.08 1.25 -4.48
C GLU A 45 -0.99 1.97 -3.49
N TYR A 46 -2.21 2.29 -3.92
CA TYR A 46 -3.26 2.72 -3.01
C TYR A 46 -4.28 1.58 -2.88
N ALA A 47 -4.60 1.20 -1.64
CA ALA A 47 -5.59 0.16 -1.43
C ALA A 47 -6.23 0.27 -0.06
N SER A 48 -7.45 -0.25 0.04
CA SER A 48 -8.15 -0.38 1.31
C SER A 48 -7.83 -1.76 1.88
N LEU A 49 -7.53 -1.82 3.17
CA LEU A 49 -7.19 -3.08 3.81
C LEU A 49 -8.37 -4.06 3.90
N THR A 50 -9.58 -3.56 3.69
CA THR A 50 -10.80 -4.37 3.81
C THR A 50 -11.39 -4.69 2.45
N CYS A 51 -10.70 -4.31 1.39
N CYS A 51 -10.67 -4.31 1.40
CA CYS A 51 -11.17 -4.54 0.03
CA CYS A 51 -11.05 -4.56 0.02
C CYS A 51 -10.86 -5.95 -0.44
C CYS A 51 -10.85 -6.03 -0.31
N TYR A 52 -11.89 -6.70 -0.82
CA TYR A 52 -11.78 -8.12 -1.12
C TYR A 52 -10.79 -8.45 -2.25
N HIS A 53 -10.94 -7.81 -3.41
CA HIS A 53 -9.97 -8.01 -4.49
C HIS A 53 -8.56 -7.62 -4.10
N CYS A 54 -8.43 -6.57 -3.30
N CYS A 54 -8.44 -6.59 -3.26
CA CYS A 54 -7.14 -6.15 -2.78
CA CYS A 54 -7.15 -6.16 -2.76
C CYS A 54 -6.51 -7.29 -2.00
C CYS A 54 -6.52 -7.25 -1.89
N SER A 55 -7.29 -7.84 -1.07
N SER A 55 -7.35 -7.93 -1.11
CA SER A 55 -6.82 -8.96 -0.26
CA SER A 55 -6.85 -8.99 -0.24
C SER A 55 -6.33 -10.11 -1.14
C SER A 55 -6.43 -10.23 -1.03
N LEU A 56 -7.14 -10.50 -2.11
CA LEU A 56 -6.79 -11.63 -2.99
C LEU A 56 -5.50 -11.33 -3.73
N PHE A 57 -5.37 -10.10 -4.24
CA PHE A 57 -4.13 -9.69 -4.90
C PHE A 57 -2.94 -9.85 -3.96
N HIS A 58 -3.09 -9.39 -2.73
CA HIS A 58 -2.00 -9.49 -1.76
C HIS A 58 -1.66 -10.91 -1.31
N ARG A 59 -2.66 -11.78 -1.39
N ARG A 59 -2.65 -11.79 -1.36
CA ARG A 59 -2.50 -13.18 -0.99
CA ARG A 59 -2.43 -13.18 -0.99
C ARG A 59 -1.84 -13.99 -2.10
C ARG A 59 -1.77 -13.96 -2.12
N ASN A 60 -2.24 -13.74 -3.34
CA ASN A 60 -1.88 -14.62 -4.46
C ASN A 60 -0.94 -14.08 -5.52
N VAL A 61 -0.78 -12.76 -5.57
CA VAL A 61 0.06 -12.16 -6.60
C VAL A 61 1.22 -11.40 -6.00
N PHE A 62 0.95 -10.57 -5.00
CA PHE A 62 2.01 -9.74 -4.45
C PHE A 62 3.25 -10.46 -3.93
N PRO A 63 3.08 -11.62 -3.26
CA PRO A 63 4.28 -12.29 -2.74
C PRO A 63 5.30 -12.56 -3.86
N LYS A 64 4.83 -12.92 -5.04
CA LYS A 64 5.72 -13.21 -6.17
C LYS A 64 6.34 -11.92 -6.72
N ILE A 65 5.57 -10.84 -6.71
CA ILE A 65 6.10 -9.54 -7.10
C ILE A 65 7.22 -9.13 -6.14
N LYS A 66 7.01 -9.32 -4.85
CA LYS A 66 8.00 -8.97 -3.85
C LYS A 66 9.28 -9.79 -4.01
N GLU A 67 9.12 -11.10 -4.21
CA GLU A 67 10.26 -11.98 -4.38
C GLU A 67 11.05 -11.65 -5.65
N LYS A 68 10.32 -11.38 -6.73
CA LYS A 68 10.94 -11.14 -8.03
C LYS A 68 11.58 -9.75 -8.17
N TYR A 69 10.96 -8.73 -7.58
CA TYR A 69 11.33 -7.35 -7.89
C TYR A 69 11.78 -6.49 -6.70
N ILE A 70 11.25 -6.76 -5.52
CA ILE A 70 11.54 -5.93 -4.36
C ILE A 70 12.75 -6.46 -3.57
N ASP A 71 12.71 -7.75 -3.28
CA ASP A 71 13.81 -8.42 -2.58
C ASP A 71 15.09 -8.37 -3.42
N THR A 72 14.92 -8.27 -4.74
CA THR A 72 16.05 -8.31 -5.67
C THR A 72 16.64 -6.93 -5.95
N GLY A 73 16.02 -5.88 -5.41
CA GLY A 73 16.51 -4.53 -5.59
C GLY A 73 16.09 -3.85 -6.89
N LYS A 74 15.18 -4.48 -7.63
CA LYS A 74 14.76 -3.92 -8.91
C LYS A 74 13.74 -2.81 -8.74
N MET A 75 12.96 -2.87 -7.66
CA MET A 75 11.80 -2.01 -7.52
C MET A 75 11.58 -1.57 -6.08
N LEU A 76 11.32 -0.27 -5.90
CA LEU A 76 10.94 0.30 -4.62
C LEU A 76 9.40 0.29 -4.51
N TYR A 77 8.89 -0.21 -3.40
CA TYR A 77 7.44 -0.33 -3.21
C TYR A 77 6.94 0.60 -2.12
N ILE A 78 5.96 1.42 -2.46
CA ILE A 78 5.36 2.36 -1.52
C ILE A 78 3.86 2.12 -1.45
N PHE A 79 3.40 1.62 -0.30
CA PHE A 79 1.99 1.37 -0.06
C PHE A 79 1.40 2.59 0.63
N ARG A 80 0.28 3.09 0.10
CA ARG A 80 -0.42 4.21 0.71
C ARG A 80 -1.85 3.80 1.04
N HIS A 81 -2.31 4.16 2.23
CA HIS A 81 -3.63 3.75 2.71
C HIS A 81 -4.74 4.48 1.94
N PHE A 82 -5.85 3.78 1.74
CA PHE A 82 -7.04 4.38 1.15
C PHE A 82 -8.24 3.74 1.84
N PRO A 83 -8.47 4.11 3.11
CA PRO A 83 -9.54 3.39 3.82
CA PRO A 83 -9.54 3.48 3.92
C PRO A 83 -10.92 3.86 3.42
N LEU A 84 -11.88 2.94 3.49
CA LEU A 84 -13.24 3.20 3.01
C LEU A 84 -14.29 2.94 4.07
N ASP A 85 -13.86 2.49 5.24
CA ASP A 85 -14.81 2.16 6.30
C ASP A 85 -14.14 2.23 7.66
N TYR A 86 -14.91 1.96 8.70
CA TYR A 86 -14.42 2.10 10.07
C TYR A 86 -13.26 1.15 10.36
N ARG A 87 -13.46 -0.13 10.06
N ARG A 87 -13.46 -0.13 10.07
CA ARG A 87 -12.44 -1.17 10.29
CA ARG A 87 -12.44 -1.17 10.29
C ARG A 87 -11.14 -0.82 9.58
C ARG A 87 -11.14 -0.84 9.57
N GLY A 88 -11.28 -0.42 8.32
CA GLY A 88 -10.13 -0.16 7.47
C GLY A 88 -9.36 1.06 7.91
N LEU A 89 -10.09 2.08 8.36
CA LEU A 89 -9.43 3.29 8.83
C LEU A 89 -8.72 3.00 10.16
N LYS A 90 -9.37 2.28 11.05
CA LYS A 90 -8.73 1.90 12.31
C LYS A 90 -7.51 1.00 12.06
N ALA A 91 -7.62 0.10 11.08
CA ALA A 91 -6.50 -0.77 10.74
C ALA A 91 -5.34 0.09 10.21
N ALA A 92 -5.65 1.05 9.34
CA ALA A 92 -4.62 1.94 8.81
C ALA A 92 -3.93 2.72 9.94
N MET A 93 -4.72 3.19 10.90
CA MET A 93 -4.14 3.88 12.05
C MET A 93 -3.22 2.95 12.83
N LEU A 94 -3.67 1.72 13.05
CA LEU A 94 -2.89 0.76 13.82
C LEU A 94 -1.54 0.45 13.15
N SER A 95 -1.50 0.50 11.82
CA SER A 95 -0.26 0.20 11.10
C SER A 95 0.87 1.13 11.53
N HIS A 96 0.53 2.30 12.04
CA HIS A 96 1.54 3.24 12.48
C HIS A 96 2.22 2.85 13.79
N CYS A 97 1.70 1.81 14.44
CA CYS A 97 2.38 1.21 15.60
C CYS A 97 3.58 0.34 15.17
N TYR A 98 3.75 0.18 13.86
CA TYR A 98 4.81 -0.68 13.32
C TYR A 98 5.84 0.15 12.53
N GLU A 99 6.99 0.37 13.14
CA GLU A 99 7.96 1.34 12.62
C GLU A 99 8.90 0.78 11.55
N LYS A 100 9.46 -0.40 11.80
CA LYS A 100 10.43 -1.01 10.87
C LYS A 100 9.73 -1.39 9.58
N GLN A 101 10.44 -1.25 8.45
CA GLN A 101 9.81 -1.45 7.15
C GLN A 101 9.17 -2.83 7.00
N GLU A 102 9.86 -3.89 7.44
CA GLU A 102 9.29 -5.22 7.33
C GLU A 102 8.11 -5.42 8.29
N ASP A 103 8.17 -4.81 9.47
CA ASP A 103 7.07 -4.93 10.43
C ASP A 103 5.79 -4.26 9.91
N TYR A 104 5.95 -3.10 9.30
CA TYR A 104 4.84 -2.35 8.73
C TYR A 104 4.17 -3.12 7.60
N PHE A 105 4.98 -3.57 6.64
CA PHE A 105 4.50 -4.38 5.54
C PHE A 105 3.80 -5.65 6.06
N ASN A 106 4.41 -6.29 7.06
CA ASN A 106 3.86 -7.53 7.61
C ASN A 106 2.53 -7.31 8.33
N PHE A 107 2.37 -6.14 8.94
CA PHE A 107 1.10 -5.82 9.56
C PHE A 107 0.01 -5.72 8.49
N ASN A 108 0.25 -4.90 7.47
CA ASN A 108 -0.73 -4.76 6.39
C ASN A 108 -1.05 -6.10 5.75
N LYS A 109 -0.01 -6.90 5.52
CA LYS A 109 -0.16 -8.24 4.97
C LYS A 109 -1.09 -9.11 5.83
N ALA A 110 -0.92 -9.05 7.14
CA ALA A 110 -1.75 -9.81 8.06
C ALA A 110 -3.21 -9.36 7.98
N VAL A 111 -3.43 -8.05 7.92
CA VAL A 111 -4.81 -7.56 7.81
C VAL A 111 -5.45 -8.07 6.51
N PHE A 112 -4.77 -7.88 5.39
CA PHE A 112 -5.25 -8.42 4.11
C PHE A 112 -5.56 -9.92 4.23
N ASN A 113 -4.63 -10.67 4.79
N ASN A 113 -4.63 -10.69 4.78
CA ASN A 113 -4.75 -12.13 4.90
CA ASN A 113 -4.77 -12.14 4.82
C ASN A 113 -5.94 -12.57 5.73
C ASN A 113 -5.98 -12.61 5.61
N SER A 114 -6.36 -11.71 6.66
N SER A 114 -6.35 -11.86 6.65
CA SER A 114 -7.38 -12.12 7.62
CA SER A 114 -7.42 -12.28 7.54
C SER A 114 -8.76 -11.55 7.30
C SER A 114 -8.74 -11.54 7.30
N ILE A 115 -8.94 -11.09 6.07
CA ILE A 115 -10.18 -10.40 5.68
C ILE A 115 -11.46 -11.16 6.07
N ASP A 116 -11.46 -12.50 5.95
CA ASP A 116 -12.64 -13.31 6.30
C ASP A 116 -13.01 -13.23 7.79
N SER A 117 -12.11 -12.68 8.60
CA SER A 117 -12.27 -12.73 10.04
C SER A 117 -12.85 -11.47 10.69
N TRP A 118 -13.08 -10.41 9.91
CA TRP A 118 -13.79 -9.26 10.44
C TRP A 118 -15.19 -9.69 10.88
N ASN A 119 -15.83 -8.86 11.70
CA ASN A 119 -17.23 -9.03 12.03
C ASN A 119 -18.08 -8.26 11.03
N TYR A 120 -18.75 -8.97 10.13
CA TYR A 120 -19.50 -8.32 9.06
C TYR A 120 -20.89 -7.83 9.50
N TYR A 121 -21.24 -8.12 10.75
CA TYR A 121 -22.50 -7.62 11.29
C TYR A 121 -22.27 -6.37 12.14
N ASN A 122 -21.37 -6.47 13.11
CA ASN A 122 -20.98 -5.31 13.89
C ASN A 122 -19.71 -4.74 13.30
N LEU A 123 -19.86 -3.73 12.45
CA LEU A 123 -18.73 -3.17 11.70
C LEU A 123 -17.80 -2.34 12.56
N SER A 124 -18.12 -2.19 13.84
CA SER A 124 -17.24 -1.48 14.77
C SER A 124 -16.42 -2.45 15.61
N ASP A 125 -16.61 -3.74 15.39
CA ASP A 125 -15.92 -4.77 16.17
C ASP A 125 -14.49 -4.91 15.66
N LEU A 126 -13.51 -4.54 16.48
CA LEU A 126 -12.09 -4.60 16.10
C LEU A 126 -11.33 -5.79 16.70
N THR A 127 -12.07 -6.84 17.04
CA THR A 127 -11.45 -8.07 17.57
C THR A 127 -10.30 -8.55 16.67
N LEU A 128 -10.49 -8.46 15.35
CA LEU A 128 -9.44 -8.92 14.44
C LEU A 128 -8.13 -8.17 14.69
N LEU A 129 -8.22 -6.85 14.88
CA LEU A 129 -7.02 -6.07 15.16
C LEU A 129 -6.42 -6.42 16.52
N GLN A 130 -7.25 -6.73 17.52
CA GLN A 130 -6.74 -7.19 18.81
C GLN A 130 -5.95 -8.48 18.62
N ARG A 131 -6.45 -9.37 17.78
CA ARG A 131 -5.77 -10.63 17.52
C ARG A 131 -4.43 -10.41 16.83
N ILE A 132 -4.43 -9.57 15.81
CA ILE A 132 -3.20 -9.28 15.09
C ILE A 132 -2.18 -8.60 16.00
N ALA A 133 -2.65 -7.66 16.82
CA ALA A 133 -1.80 -6.99 17.80
C ALA A 133 -1.17 -7.99 18.77
N ALA A 134 -1.97 -8.92 19.28
CA ALA A 134 -1.45 -9.90 20.22
C ALA A 134 -0.39 -10.78 19.56
N LEU A 135 -0.68 -11.25 18.34
CA LEU A 135 0.25 -12.11 17.62
C LEU A 135 1.57 -11.41 17.33
N SER A 136 1.55 -10.08 17.29
CA SER A 136 2.77 -9.31 17.02
C SER A 136 3.37 -8.73 18.30
N ASN A 137 2.89 -9.18 19.45
CA ASN A 137 3.42 -8.72 20.73
C ASN A 137 3.33 -7.22 20.97
N LEU A 138 2.33 -6.59 20.36
CA LEU A 138 2.05 -5.18 20.60
C LEU A 138 1.29 -5.06 21.91
N LYS A 139 1.82 -4.27 22.84
CA LYS A 139 1.19 -4.16 24.15
C LYS A 139 -0.13 -3.39 24.07
N GLN A 140 -1.04 -3.67 24.99
CA GLN A 140 -2.36 -3.05 24.95
C GLN A 140 -2.31 -1.53 24.97
N ASP A 141 -1.43 -0.95 25.80
CA ASP A 141 -1.37 0.51 25.86
C ASP A 141 -0.93 1.13 24.54
N ALA A 142 0.02 0.50 23.87
CA ALA A 142 0.48 0.95 22.56
C ALA A 142 -0.63 0.80 21.53
N PHE A 143 -1.30 -0.36 21.56
CA PHE A 143 -2.45 -0.62 20.71
C PHE A 143 -3.51 0.48 20.86
N ASN A 144 -3.90 0.76 22.10
CA ASN A 144 -4.95 1.73 22.36
C ASN A 144 -4.56 3.11 21.88
N GLN A 145 -3.31 3.48 22.11
CA GLN A 145 -2.83 4.78 21.68
C GLN A 145 -2.87 4.89 20.15
N CYS A 146 -2.42 3.84 19.47
CA CYS A 146 -2.41 3.89 18.01
C CYS A 146 -3.81 3.96 17.40
N ILE A 147 -4.75 3.16 17.91
CA ILE A 147 -6.08 3.08 17.34
CA ILE A 147 -6.07 3.12 17.29
C ILE A 147 -6.92 4.34 17.63
N ASN A 148 -6.44 5.16 18.55
CA ASN A 148 -7.15 6.38 18.90
C ASN A 148 -6.39 7.67 18.55
N ASP A 149 -5.31 7.53 17.79
CA ASP A 149 -4.44 8.66 17.52
C ASP A 149 -5.05 9.58 16.45
N LYS A 150 -5.62 10.68 16.91
CA LYS A 150 -6.30 11.63 16.02
C LYS A 150 -5.35 12.21 14.97
N LYS A 151 -4.09 12.44 15.36
CA LYS A 151 -3.12 13.00 14.43
C LYS A 151 -2.84 12.05 13.26
N ILE A 152 -2.74 10.76 13.56
CA ILE A 152 -2.55 9.77 12.51
C ILE A 152 -3.80 9.61 11.65
N MET A 153 -4.98 9.60 12.29
CA MET A 153 -6.22 9.54 11.54
C MET A 153 -6.29 10.69 10.51
N ASP A 154 -6.00 11.90 10.98
CA ASP A 154 -6.02 13.09 10.13
C ASP A 154 -5.07 12.94 8.95
N LYS A 155 -3.87 12.45 9.21
CA LYS A 155 -2.89 12.28 8.15
C LYS A 155 -3.40 11.29 7.11
N ILE A 156 -3.96 10.17 7.59
CA ILE A 156 -4.48 9.15 6.68
C ILE A 156 -5.60 9.69 5.79
N VAL A 157 -6.59 10.34 6.40
CA VAL A 157 -7.72 10.83 5.61
C VAL A 157 -7.33 11.99 4.68
N ASN A 158 -6.34 12.78 5.08
CA ASN A 158 -5.89 13.85 4.22
C ASN A 158 -5.05 13.32 3.05
N ASP A 159 -4.20 12.32 3.31
CA ASP A 159 -3.48 11.68 2.22
C ASP A 159 -4.45 11.06 1.22
N LYS A 160 -5.52 10.46 1.73
CA LYS A 160 -6.56 9.89 0.87
C LYS A 160 -7.26 10.97 0.03
N SER A 161 -7.69 12.07 0.66
CA SER A 161 -8.42 13.09 -0.09
C SER A 161 -7.52 13.75 -1.15
N LEU A 162 -6.23 13.87 -0.82
CA LEU A 162 -5.23 14.40 -1.76
C LEU A 162 -5.14 13.51 -3.01
N ALA A 163 -5.12 12.20 -2.79
CA ALA A 163 -5.09 11.24 -3.89
C ALA A 163 -6.35 11.31 -4.74
N ILE A 164 -7.49 11.46 -4.09
CA ILE A 164 -8.77 11.58 -4.80
C ILE A 164 -8.76 12.82 -5.68
N ASN A 165 -8.30 13.93 -5.13
N ASN A 165 -8.25 13.92 -5.14
CA ASN A 165 -8.26 15.19 -5.86
CA ASN A 165 -8.27 15.21 -5.83
C ASN A 165 -7.26 15.15 -7.00
C ASN A 165 -7.20 15.36 -6.93
N LYS A 166 -6.01 14.83 -6.68
CA LYS A 166 -4.90 14.97 -7.62
C LYS A 166 -4.68 13.77 -8.56
N LEU A 167 -5.12 12.59 -8.15
CA LEU A 167 -4.87 11.39 -8.93
C LEU A 167 -6.16 10.75 -9.47
N GLY A 168 -7.31 11.30 -9.10
CA GLY A 168 -8.58 10.81 -9.59
C GLY A 168 -8.96 9.42 -9.15
N ILE A 169 -8.53 9.02 -7.96
CA ILE A 169 -8.83 7.68 -7.47
C ILE A 169 -10.27 7.55 -6.98
N THR A 170 -10.99 6.59 -7.54
CA THR A 170 -12.34 6.28 -7.09
C THR A 170 -12.40 4.87 -6.53
N ALA A 171 -11.98 3.90 -7.33
CA ALA A 171 -11.97 2.51 -6.90
C ALA A 171 -10.57 2.03 -6.58
N VAL A 172 -10.47 1.03 -5.73
N VAL A 172 -10.47 1.01 -5.74
CA VAL A 172 -9.17 0.45 -5.37
CA VAL A 172 -9.19 0.43 -5.36
C VAL A 172 -9.18 -1.04 -5.70
C VAL A 172 -9.18 -1.05 -5.72
N PRO A 173 -8.00 -1.63 -5.90
CA PRO A 173 -6.69 -0.95 -5.77
C PRO A 173 -6.28 -0.17 -7.02
N ILE A 174 -5.32 0.74 -6.84
CA ILE A 174 -4.70 1.46 -7.94
C ILE A 174 -3.20 1.36 -7.77
N PHE A 175 -2.48 1.16 -8.88
CA PHE A 175 -1.03 1.07 -8.88
C PHE A 175 -0.44 2.08 -9.85
N PHE A 176 0.62 2.74 -9.42
CA PHE A 176 1.39 3.59 -10.31
C PHE A 176 2.77 2.97 -10.40
N ILE A 177 3.18 2.65 -11.62
CA ILE A 177 4.47 2.02 -11.85
C ILE A 177 5.28 2.85 -12.85
N LYS A 178 6.45 3.31 -12.43
CA LYS A 178 7.21 4.26 -13.21
C LYS A 178 8.69 4.18 -12.86
N LEU A 179 9.52 4.86 -13.64
CA LEU A 179 10.93 4.95 -13.32
C LEU A 179 11.07 5.70 -12.00
N ASN A 180 11.94 5.21 -11.14
CA ASN A 180 12.18 5.86 -9.87
C ASN A 180 13.14 7.03 -10.07
N ASP A 181 12.71 8.03 -10.82
N ASP A 181 12.70 8.05 -10.80
CA ASP A 181 13.50 9.24 -11.07
CA ASP A 181 13.51 9.24 -11.08
C ASP A 181 12.73 10.50 -10.67
C ASP A 181 12.77 10.52 -10.72
N ASP A 182 13.24 11.20 -9.68
CA ASP A 182 12.57 12.38 -9.15
C ASP A 182 12.54 13.58 -10.11
N LYS A 183 13.30 13.52 -11.18
CA LYS A 183 13.43 14.67 -12.08
C LYS A 183 12.45 14.62 -13.26
N SER A 184 11.78 13.49 -13.43
CA SER A 184 10.96 13.27 -14.62
C SER A 184 9.52 13.76 -14.48
N TYR A 185 8.93 14.14 -15.61
CA TYR A 185 7.51 14.44 -15.69
C TYR A 185 6.79 13.36 -16.48
N ILE A 186 5.67 12.89 -15.97
CA ILE A 186 4.80 12.01 -16.75
C ILE A 186 3.36 12.14 -16.26
N GLU A 187 2.42 12.11 -17.19
CA GLU A 187 1.01 12.20 -16.86
C GLU A 187 0.59 10.96 -16.09
N HIS A 188 -0.05 11.16 -14.95
CA HIS A 188 -0.29 10.05 -14.02
C HIS A 188 -1.08 8.90 -14.63
N ASN A 189 -1.99 9.20 -15.55
CA ASN A 189 -2.79 8.16 -16.16
C ASN A 189 -1.99 7.21 -17.06
N LYS A 190 -0.86 7.68 -17.57
CA LYS A 190 -0.04 6.84 -18.43
C LYS A 190 0.69 5.72 -17.67
N VAL A 191 0.82 5.88 -16.35
CA VAL A 191 1.54 4.88 -15.56
C VAL A 191 0.61 4.24 -14.53
N LYS A 192 -0.69 4.34 -14.78
CA LYS A 192 -1.70 3.89 -13.85
C LYS A 192 -2.25 2.51 -14.22
N HIS A 193 -2.49 1.69 -13.20
CA HIS A 193 -3.08 0.37 -13.40
C HIS A 193 -4.12 0.14 -12.33
N GLY A 194 -5.31 -0.27 -12.73
CA GLY A 194 -6.39 -0.42 -11.76
C GLY A 194 -6.96 -1.82 -11.65
N GLY A 195 -7.36 -2.18 -10.44
CA GLY A 195 -8.02 -3.45 -10.20
C GLY A 195 -7.09 -4.63 -10.00
N TYR A 196 -7.69 -5.81 -9.95
CA TYR A 196 -6.94 -7.05 -9.80
C TYR A 196 -6.22 -7.41 -11.09
N LYS A 197 -4.90 -7.59 -11.00
CA LYS A 197 -4.10 -8.02 -12.15
C LYS A 197 -3.34 -9.29 -11.78
N GLU A 198 -3.25 -10.22 -12.71
CA GLU A 198 -2.50 -11.46 -12.48
C GLU A 198 -1.01 -11.15 -12.53
N LEU A 199 -0.21 -12.08 -12.03
CA LEU A 199 1.23 -11.90 -12.00
C LEU A 199 1.82 -11.51 -13.36
N LYS A 200 1.43 -12.22 -14.41
CA LYS A 200 2.02 -12.00 -15.73
C LYS A 200 1.78 -10.57 -16.24
N TYR A 201 0.65 -9.97 -15.87
CA TYR A 201 0.39 -8.58 -16.22
C TYR A 201 1.47 -7.67 -15.64
N PHE A 202 1.74 -7.84 -14.34
CA PHE A 202 2.76 -7.03 -13.69
C PHE A 202 4.19 -7.34 -14.15
N THR A 203 4.49 -8.62 -14.37
CA THR A 203 5.84 -8.96 -14.83
C THR A 203 6.11 -8.32 -16.20
N ASN A 204 5.10 -8.32 -17.06
N ASN A 204 5.11 -8.32 -17.07
CA ASN A 204 5.21 -7.71 -18.37
CA ASN A 204 5.26 -7.69 -18.38
C ASN A 204 5.50 -6.20 -18.27
C ASN A 204 5.52 -6.20 -18.26
N VAL A 205 4.71 -5.52 -17.46
CA VAL A 205 4.85 -4.08 -17.27
C VAL A 205 6.20 -3.75 -16.64
N ILE A 206 6.54 -4.46 -15.57
CA ILE A 206 7.77 -4.16 -14.81
C ILE A 206 9.04 -4.52 -15.59
N ASP A 207 9.05 -5.69 -16.22
CA ASP A 207 10.20 -6.08 -17.03
C ASP A 207 10.51 -5.06 -18.12
N LYS A 208 9.48 -4.61 -18.83
CA LYS A 208 9.65 -3.64 -19.91
C LYS A 208 10.21 -2.33 -19.40
N LEU A 209 9.69 -1.87 -18.26
CA LEU A 209 10.12 -0.62 -17.66
C LEU A 209 11.55 -0.75 -17.14
N TYR A 210 11.85 -1.89 -16.50
CA TYR A 210 13.17 -2.14 -15.96
C TYR A 210 14.23 -2.12 -17.07
N GLY A 211 13.91 -2.72 -18.21
CA GLY A 211 14.80 -2.71 -19.35
C GLY A 211 15.13 -1.30 -19.79
N LYS A 212 14.11 -0.46 -19.93
CA LYS A 212 14.29 0.93 -20.29
C LYS A 212 15.09 1.65 -19.22
N ALA A 213 14.83 1.31 -17.96
CA ALA A 213 15.54 1.92 -16.84
C ALA A 213 17.04 1.67 -16.90
N ILE A 214 17.43 0.40 -17.04
CA ILE A 214 18.84 0.04 -17.07
C ILE A 214 19.57 0.69 -18.24
N VAL A 215 18.91 0.78 -19.39
CA VAL A 215 19.49 1.45 -20.56
C VAL A 215 19.79 2.91 -20.25
N LYS A 216 18.83 3.59 -19.64
CA LYS A 216 18.99 4.99 -19.27
C LYS A 216 20.07 5.17 -18.20
N LEU A 217 20.11 4.24 -17.25
CA LEU A 217 21.12 4.28 -16.19
C LEU A 217 22.49 3.84 -16.71
N GLU A 218 22.56 3.63 -18.03
CA GLU A 218 23.78 3.18 -18.69
C GLU A 218 24.04 1.69 -18.45
C1 PGE B . -21.05 -7.34 -3.19
C1 PGE B . -19.84 -7.88 -4.91
O1 PGE B . -21.64 -6.12 -3.57
O1 PGE B . -19.42 -6.54 -4.89
C2 PGE B . -19.61 -7.40 -3.74
C2 PGE B . -19.70 -8.56 -3.52
O2 PGE B . -18.94 -8.51 -3.17
O2 PGE B . -18.35 -8.84 -3.19
C3 PGE B . -17.87 -9.06 -3.89
C3 PGE B . -17.31 -7.98 -3.61
C4 PGE B . -16.54 -8.52 -3.31
C4 PGE B . -16.96 -8.27 -5.08
O4 PGE B . -12.87 -5.81 -4.10
O4 PGE B . -15.04 -4.21 -4.15
C6 PGE B . -14.16 -5.98 -4.63
C6 PGE B . -16.01 -5.20 -4.31
C5 PGE B . -14.69 -7.35 -4.22
C5 PGE B . -15.43 -6.40 -5.07
O3 PGE B . -16.09 -7.35 -3.96
O3 PGE B . -16.51 -7.08 -5.68
#